data_9CS1
#
_entry.id   9CS1
#
_cell.length_a   58.602
_cell.length_b   82.625
_cell.length_c   127.889
_cell.angle_alpha   90.00
_cell.angle_beta   90.00
_cell.angle_gamma   90.00
#
_symmetry.space_group_name_H-M   'P 2 2 21'
#
loop_
_entity.id
_entity.type
_entity.pdbx_description
1 polymer 'Outer membrane protein assembly factor BamA'
2 polymer 'Cyclic peptide CP2'
3 polymer 'Darobactin A'
4 non-polymer tetrabutylphosphonium
5 water water
#
loop_
_entity_poly.entity_id
_entity_poly.type
_entity_poly.pdbx_seq_one_letter_code
_entity_poly.pdbx_strand_id
1 'polypeptide(L)'
;MNTGSFNFGIGYGTESGVSFQAGVQQDNWLGTGYAVGINGTKNDYQTYAELSVTNPYFTVDGVSLGGRLFYNDFQADDAD
LSDYTNKSYGTDVTLGFPINEYNSLRAGLGYVHNSLSNMQPQVAMWRYLYSMGEHPSTSDQDNSFKTDDFTFNYGWTYNK
LDRGYFPTDGSRVNLTGKVTIPGSDNEYYKVTLDTATYVPIDDDHKWVVLGRTRWGYGDGLGGKEMPFYENFYAGGSSTV
RGFQSNTIGPKAVYFPHQASNYDPDYDYECATQDGAKDLCKSDDAVGGNAMAVASLEFITPTPFISDKYANSVRTSFFWD
MGTVWDTNWDSSQYSGYPDYSDPSNIRMSAGIALQWMSPLGPLVFSYAQPFKKYDGDKAEQFQFNIGKTW
;
A
2 'polypeptide(L)' (R3W)FSGRW(DI8)WPSRSVGCG(NH2) C
3 'polypeptide(L)' WN(UX8)SKSF D
#
loop_
_chem_comp.id
_chem_comp.type
_chem_comp.name
_chem_comp.formula
4NE non-polymer tetrabutylphosphonium 'C16 H36 P 1'
NH2 non-polymer 'AMINO GROUP' 'H2 N'
R3W non-polymer 'chloroacetic acid' 'C2 H3 Cl O2'
#
# COMPACT_ATOMS: atom_id res chain seq x y z
N THR A 3 -30.46 -2.53 -12.69
CA THR A 3 -30.44 -2.22 -11.26
C THR A 3 -29.03 -2.47 -10.68
N GLY A 4 -28.55 -3.72 -10.77
CA GLY A 4 -27.24 -4.08 -10.26
C GLY A 4 -26.25 -4.45 -11.36
N SER A 5 -25.09 -4.99 -10.95
CA SER A 5 -24.02 -5.46 -11.86
C SER A 5 -23.07 -6.44 -11.16
N PHE A 6 -22.31 -7.22 -11.94
CA PHE A 6 -21.29 -8.10 -11.40
C PHE A 6 -20.04 -8.06 -12.29
N ASN A 7 -18.90 -8.52 -11.76
CA ASN A 7 -17.64 -8.43 -12.50
C ASN A 7 -16.62 -9.49 -12.11
N PHE A 8 -15.65 -9.70 -13.00
CA PHE A 8 -14.54 -10.60 -12.77
C PHE A 8 -13.37 -10.08 -13.59
N GLY A 9 -12.20 -10.10 -12.97
CA GLY A 9 -11.01 -9.55 -13.58
C GLY A 9 -9.79 -10.41 -13.35
N ILE A 10 -8.84 -10.26 -14.28
CA ILE A 10 -7.57 -10.98 -14.27
C ILE A 10 -6.50 -10.00 -14.71
N GLY A 11 -5.44 -9.97 -13.92
CA GLY A 11 -4.28 -9.16 -14.20
C GLY A 11 -3.01 -9.95 -14.01
N TYR A 12 -1.87 -9.33 -14.30
CA TYR A 12 -0.58 -9.99 -14.17
C TYR A 12 0.48 -8.93 -13.98
N GLY A 13 1.33 -9.13 -12.99
CA GLY A 13 2.42 -8.22 -12.72
C GLY A 13 3.58 -8.90 -12.04
N THR A 14 4.78 -8.27 -12.07
CA THR A 14 5.98 -8.84 -11.47
C THR A 14 5.86 -9.01 -9.93
N GLU A 15 5.18 -8.11 -9.23
CA GLU A 15 5.04 -8.20 -7.76
C GLU A 15 3.90 -9.09 -7.25
N SER A 16 2.76 -9.03 -7.93
CA SER A 16 1.56 -9.72 -7.52
C SER A 16 1.35 -11.10 -8.18
N GLY A 17 2.02 -11.34 -9.30
CA GLY A 17 1.80 -12.53 -10.09
C GLY A 17 0.44 -12.40 -10.77
N VAL A 18 -0.29 -13.52 -10.91
CA VAL A 18 -1.65 -13.45 -11.44
C VAL A 18 -2.55 -12.90 -10.32
N SER A 19 -3.30 -11.83 -10.62
CA SER A 19 -4.25 -11.27 -9.68
C SER A 19 -5.68 -11.49 -10.21
N PHE A 20 -6.58 -11.91 -9.33
CA PHE A 20 -7.97 -12.14 -9.63
C PHE A 20 -8.82 -11.16 -8.83
N GLN A 21 -9.93 -10.74 -9.40
CA GLN A 21 -10.86 -9.83 -8.77
C GLN A 21 -12.28 -10.26 -9.14
N ALA A 22 -13.23 -10.18 -8.20
CA ALA A 22 -14.62 -10.55 -8.49
C ALA A 22 -15.53 -9.78 -7.57
N GLY A 23 -16.68 -9.37 -8.07
CA GLY A 23 -17.63 -8.61 -7.28
C GLY A 23 -19.06 -8.64 -7.79
N VAL A 24 -19.99 -8.36 -6.88
CA VAL A 24 -21.41 -8.25 -7.14
C VAL A 24 -21.84 -6.97 -6.46
N GLN A 25 -22.43 -6.05 -7.21
CA GLN A 25 -22.93 -4.81 -6.65
C GLN A 25 -24.40 -4.65 -7.02
N GLN A 26 -25.18 -4.18 -6.06
CA GLN A 26 -26.58 -3.90 -6.27
C GLN A 26 -26.77 -2.50 -5.75
N ASP A 27 -26.90 -1.51 -6.64
CA ASP A 27 -27.14 -0.13 -6.23
C ASP A 27 -28.56 -0.03 -5.70
N ASN A 28 -28.80 0.81 -4.69
CA ASN A 28 -30.14 0.96 -4.12
C ASN A 28 -30.78 -0.39 -3.75
N TRP A 29 -30.02 -1.27 -3.08
CA TRP A 29 -30.46 -2.60 -2.69
C TRP A 29 -31.73 -2.55 -1.84
N LEU A 30 -32.81 -3.23 -2.28
CA LEU A 30 -34.13 -3.28 -1.63
C LEU A 30 -34.77 -1.89 -1.43
N GLY A 31 -34.39 -0.90 -2.23
CA GLY A 31 -34.91 0.46 -2.13
C GLY A 31 -34.42 1.23 -0.90
N THR A 32 -33.30 0.78 -0.31
CA THR A 32 -32.78 1.39 0.92
C THR A 32 -31.94 2.64 0.72
N GLY A 33 -31.56 2.94 -0.51
CA GLY A 33 -30.65 4.04 -0.79
C GLY A 33 -29.19 3.62 -0.66
N TYR A 34 -28.93 2.37 -0.28
CA TYR A 34 -27.60 1.83 -0.03
C TYR A 34 -27.22 0.87 -1.13
N ALA A 35 -26.04 1.07 -1.68
CA ALA A 35 -25.41 0.20 -2.64
C ALA A 35 -24.78 -0.94 -1.84
N VAL A 36 -25.11 -2.18 -2.16
CA VAL A 36 -24.57 -3.34 -1.48
C VAL A 36 -23.57 -4.06 -2.39
N GLY A 37 -22.32 -4.21 -1.93
CA GLY A 37 -21.30 -4.89 -2.70
C GLY A 37 -20.65 -6.07 -1.98
N ILE A 38 -20.29 -7.11 -2.72
CA ILE A 38 -19.55 -8.26 -2.23
C ILE A 38 -18.40 -8.39 -3.19
N ASN A 39 -17.17 -8.15 -2.72
CA ASN A 39 -16.00 -8.12 -3.58
C ASN A 39 -14.85 -8.90 -3.00
N GLY A 40 -14.04 -9.44 -3.89
CA GLY A 40 -12.88 -10.21 -3.50
C GLY A 40 -11.73 -9.98 -4.45
N THR A 41 -10.52 -10.12 -3.93
CA THR A 41 -9.29 -10.04 -4.70
C THR A 41 -8.38 -11.18 -4.22
N LYS A 42 -7.50 -11.62 -5.11
CA LYS A 42 -6.54 -12.65 -4.76
C LYS A 42 -5.34 -12.47 -5.64
N ASN A 43 -4.16 -12.59 -5.06
CA ASN A 43 -2.92 -12.58 -5.82
C ASN A 43 -1.99 -13.59 -5.17
N ASP A 44 -0.69 -13.55 -5.50
CA ASP A 44 0.27 -14.54 -5.00
C ASP A 44 0.46 -14.55 -3.50
N TYR A 45 0.28 -13.41 -2.84
CA TYR A 45 0.57 -13.31 -1.41
C TYR A 45 -0.62 -12.93 -0.55
N GLN A 46 -1.76 -12.58 -1.16
CA GLN A 46 -2.86 -12.05 -0.38
C GLN A 46 -4.23 -12.35 -0.96
N THR A 47 -5.19 -12.58 -0.08
CA THR A 47 -6.58 -12.72 -0.47
C THR A 47 -7.37 -11.71 0.36
N TYR A 48 -8.28 -10.99 -0.28
CA TYR A 48 -9.12 -10.04 0.44
C TYR A 48 -10.59 -10.21 0.06
N ALA A 49 -11.51 -10.08 1.04
CA ALA A 49 -12.92 -10.09 0.73
C ALA A 49 -13.70 -9.15 1.63
N GLU A 50 -14.75 -8.53 1.07
CA GLU A 50 -15.56 -7.62 1.84
C GLU A 50 -17.01 -7.61 1.42
N LEU A 51 -17.86 -7.31 2.39
CA LEU A 51 -19.26 -7.06 2.15
C LEU A 51 -19.43 -5.59 2.55
N SER A 52 -19.81 -4.73 1.61
CA SER A 52 -20.01 -3.32 1.90
C SER A 52 -21.46 -2.89 1.69
N VAL A 53 -21.84 -1.83 2.40
CA VAL A 53 -23.14 -1.16 2.35
C VAL A 53 -22.79 0.32 2.30
N THR A 54 -23.16 1.04 1.25
CA THR A 54 -22.74 2.43 1.07
C THR A 54 -23.86 3.35 0.59
N ASN A 55 -24.00 4.52 1.21
CA ASN A 55 -24.95 5.53 0.75
C ASN A 55 -24.15 6.77 0.42
N PRO A 56 -23.90 7.04 -0.88
CA PRO A 56 -23.14 8.25 -1.25
C PRO A 56 -23.84 9.57 -0.91
N TYR A 57 -25.14 9.49 -0.60
CA TYR A 57 -25.96 10.63 -0.23
C TYR A 57 -26.64 10.34 1.11
N PHE A 58 -25.83 10.13 2.15
CA PHE A 58 -26.29 9.96 3.52
C PHE A 58 -27.06 11.22 3.96
N THR A 59 -26.61 12.39 3.48
CA THR A 59 -27.26 13.70 3.57
C THR A 59 -27.51 14.14 2.11
N VAL A 60 -28.50 15.02 1.88
CA VAL A 60 -28.83 15.47 0.51
C VAL A 60 -27.68 16.30 -0.11
N ASP A 61 -26.71 16.75 0.70
CA ASP A 61 -25.55 17.52 0.26
C ASP A 61 -24.33 16.67 -0.13
N GLY A 62 -24.44 15.34 -0.09
CA GLY A 62 -23.35 14.47 -0.52
C GLY A 62 -22.41 13.96 0.56
N VAL A 63 -22.78 14.06 1.85
CA VAL A 63 -22.00 13.40 2.91
C VAL A 63 -22.32 11.91 2.75
N SER A 64 -21.30 11.04 2.64
CA SER A 64 -21.53 9.62 2.43
C SER A 64 -21.28 8.79 3.67
N LEU A 65 -21.95 7.63 3.73
CA LEU A 65 -21.80 6.70 4.83
C LEU A 65 -21.49 5.34 4.25
N GLY A 66 -20.46 4.69 4.76
CA GLY A 66 -20.08 3.34 4.38
C GLY A 66 -19.92 2.45 5.61
N GLY A 67 -20.31 1.19 5.44
CA GLY A 67 -20.15 0.17 6.47
C GLY A 67 -19.72 -1.13 5.79
N ARG A 68 -18.74 -1.82 6.35
CA ARG A 68 -18.28 -3.05 5.76
C ARG A 68 -17.81 -4.08 6.77
N LEU A 69 -17.87 -5.35 6.34
CA LEU A 69 -17.28 -6.50 7.02
C LEU A 69 -16.18 -6.92 6.05
N PHE A 70 -14.99 -7.25 6.57
CA PHE A 70 -13.90 -7.65 5.70
C PHE A 70 -13.09 -8.82 6.28
N TYR A 71 -12.29 -9.46 5.41
CA TYR A 71 -11.31 -10.47 5.79
C TYR A 71 -10.10 -10.32 4.88
N ASN A 72 -8.92 -10.51 5.45
CA ASN A 72 -7.67 -10.41 4.70
C ASN A 72 -6.73 -11.53 5.14
N ASP A 73 -6.15 -12.27 4.18
CA ASP A 73 -5.17 -13.31 4.48
C ASP A 73 -3.89 -12.88 3.76
N PHE A 74 -2.84 -12.61 4.51
CA PHE A 74 -1.56 -12.19 3.96
C PHE A 74 -0.51 -13.22 4.32
N GLN A 75 0.31 -13.66 3.36
CA GLN A 75 1.38 -14.63 3.56
C GLN A 75 2.66 -13.86 3.22
N ALA A 76 3.45 -13.50 4.23
CA ALA A 76 4.59 -12.61 4.03
C ALA A 76 5.74 -13.17 3.19
N ASP A 77 6.04 -14.48 3.22
CA ASP A 77 7.11 -15.02 2.37
C ASP A 77 6.76 -14.89 0.88
N ASP A 78 5.47 -14.97 0.53
CA ASP A 78 4.98 -14.76 -0.84
C ASP A 78 5.07 -13.27 -1.28
N ALA A 79 5.29 -12.34 -0.32
CA ALA A 79 5.50 -10.93 -0.61
C ALA A 79 6.99 -10.54 -0.42
N ASP A 80 7.89 -11.54 -0.44
CA ASP A 80 9.35 -11.42 -0.30
C ASP A 80 9.78 -10.75 0.99
N LEU A 81 9.10 -11.10 2.06
CA LEU A 81 9.44 -10.65 3.39
C LEU A 81 9.82 -11.87 4.24
N SER A 82 10.36 -11.68 5.46
CA SER A 82 10.56 -12.80 6.38
C SER A 82 9.16 -13.35 6.74
N ASP A 83 9.06 -14.66 6.77
CA ASP A 83 7.80 -15.36 6.88
C ASP A 83 6.97 -15.06 8.13
N TYR A 84 5.64 -15.03 7.89
CA TYR A 84 4.56 -14.94 8.85
C TYR A 84 3.26 -14.99 8.06
N THR A 85 2.22 -15.42 8.75
CA THR A 85 0.88 -15.44 8.19
C THR A 85 0.06 -14.47 9.03
N ASN A 86 -0.69 -13.61 8.38
CA ASN A 86 -1.53 -12.65 9.05
C ASN A 86 -2.93 -12.77 8.47
N LYS A 87 -3.82 -13.37 9.25
CA LYS A 87 -5.21 -13.50 8.86
C LYS A 87 -5.98 -12.54 9.74
N SER A 88 -6.72 -11.66 9.09
CA SER A 88 -7.45 -10.64 9.80
C SER A 88 -8.88 -10.56 9.33
N TYR A 89 -9.73 -10.01 10.19
CA TYR A 89 -11.10 -9.74 9.83
C TYR A 89 -11.55 -8.57 10.70
N GLY A 90 -12.67 -7.96 10.31
CA GLY A 90 -13.20 -6.86 11.08
C GLY A 90 -14.31 -6.12 10.39
N THR A 91 -14.52 -4.89 10.85
CA THR A 91 -15.59 -4.05 10.33
C THR A 91 -15.15 -2.61 10.41
N ASP A 92 -15.50 -1.84 9.39
CA ASP A 92 -15.24 -0.41 9.33
C ASP A 92 -16.53 0.35 9.03
N VAL A 93 -16.66 1.54 9.66
CA VAL A 93 -17.74 2.49 9.40
CA VAL A 93 -17.73 2.48 9.40
C VAL A 93 -16.99 3.78 9.01
N THR A 94 -17.40 4.40 7.91
CA THR A 94 -16.70 5.60 7.43
C THR A 94 -17.69 6.65 6.95
N LEU A 95 -17.32 7.92 7.12
CA LEU A 95 -18.13 9.07 6.70
C LEU A 95 -17.27 9.90 5.75
N GLY A 96 -17.78 10.20 4.57
CA GLY A 96 -17.06 10.99 3.58
C GLY A 96 -17.66 12.37 3.47
N PHE A 97 -16.82 13.41 3.46
CA PHE A 97 -17.31 14.79 3.42
C PHE A 97 -16.73 15.56 2.26
N PRO A 98 -17.56 15.93 1.27
CA PRO A 98 -17.07 16.80 0.20
C PRO A 98 -16.83 18.19 0.78
N ILE A 99 -15.63 18.76 0.60
CA ILE A 99 -15.32 20.09 1.11
C ILE A 99 -15.52 21.12 0.00
N ASN A 100 -15.03 20.79 -1.19
CA ASN A 100 -15.16 21.57 -2.42
C ASN A 100 -14.89 20.62 -3.61
N GLU A 101 -14.76 21.14 -4.84
CA GLU A 101 -14.55 20.35 -6.04
C GLU A 101 -13.31 19.47 -6.00
N TYR A 102 -12.27 19.93 -5.29
CA TYR A 102 -11.00 19.23 -5.32
C TYR A 102 -10.65 18.52 -4.01
N ASN A 103 -11.36 18.80 -2.91
CA ASN A 103 -11.04 18.21 -1.62
C ASN A 103 -12.21 17.47 -0.97
N SER A 104 -11.89 16.29 -0.42
CA SER A 104 -12.83 15.52 0.40
C SER A 104 -12.10 15.05 1.65
N LEU A 105 -12.84 14.91 2.73
CA LEU A 105 -12.33 14.41 3.99
C LEU A 105 -13.08 13.14 4.33
N ARG A 106 -12.50 12.35 5.21
CA ARG A 106 -13.16 11.16 5.71
C ARG A 106 -12.72 10.93 7.16
N ALA A 107 -13.63 10.37 7.96
CA ALA A 107 -13.40 10.00 9.35
C ALA A 107 -14.19 8.71 9.57
N GLY A 108 -13.62 7.81 10.35
CA GLY A 108 -14.28 6.53 10.60
C GLY A 108 -13.74 5.81 11.81
N LEU A 109 -14.39 4.69 12.12
CA LEU A 109 -14.10 3.81 13.24
C LEU A 109 -13.95 2.40 12.68
N GLY A 110 -12.92 1.70 13.16
CA GLY A 110 -12.61 0.36 12.68
C GLY A 110 -12.35 -0.62 13.80
N TYR A 111 -12.71 -1.85 13.55
CA TYR A 111 -12.41 -2.96 14.43
C TYR A 111 -11.68 -4.00 13.56
N VAL A 112 -10.57 -4.54 14.05
CA VAL A 112 -9.85 -5.59 13.35
C VAL A 112 -9.29 -6.57 14.36
N HIS A 113 -9.41 -7.85 14.04
CA HIS A 113 -8.80 -8.93 14.79
C HIS A 113 -7.67 -9.44 13.91
N ASN A 114 -6.45 -9.54 14.44
CA ASN A 114 -5.31 -10.04 13.68
C ASN A 114 -4.84 -11.34 14.28
N SER A 115 -4.64 -12.32 13.42
CA SER A 115 -4.15 -13.63 13.77
C SER A 115 -2.79 -13.84 13.14
N LEU A 116 -1.74 -13.77 13.95
CA LEU A 116 -0.38 -13.97 13.47
C LEU A 116 0.06 -15.38 13.81
N SER A 117 0.73 -16.02 12.86
CA SER A 117 1.24 -17.38 13.04
C SER A 117 2.38 -17.61 12.05
N ASN A 118 3.09 -18.75 12.15
CA ASN A 118 4.18 -19.07 11.23
C ASN A 118 5.29 -18.02 11.28
N MET A 119 5.50 -17.40 12.43
CA MET A 119 6.52 -16.39 12.55
C MET A 119 7.87 -17.06 12.75
N GLN A 120 8.79 -16.78 11.85
CA GLN A 120 10.14 -17.28 11.97
C GLN A 120 10.84 -16.31 12.92
N PRO A 121 11.30 -16.77 14.10
CA PRO A 121 11.93 -15.84 15.04
C PRO A 121 13.02 -14.94 14.47
N GLN A 122 12.82 -13.61 14.60
CA GLN A 122 13.77 -12.57 14.18
C GLN A 122 13.74 -11.39 15.17
N VAL A 123 14.81 -10.59 15.20
CA VAL A 123 14.99 -9.56 16.22
C VAL A 123 13.87 -8.50 16.23
N ALA A 124 13.66 -7.74 15.14
CA ALA A 124 12.64 -6.67 15.12
C ALA A 124 11.26 -7.18 15.53
N MET A 125 10.85 -8.32 14.98
CA MET A 125 9.56 -8.92 15.23
C MET A 125 9.45 -9.33 16.69
N TRP A 126 10.51 -9.97 17.23
CA TRP A 126 10.50 -10.41 18.61
C TRP A 126 10.56 -9.25 19.58
N ARG A 127 11.22 -8.14 19.20
CA ARG A 127 11.27 -6.93 20.00
C ARG A 127 9.85 -6.34 20.10
N TYR A 128 9.06 -6.38 19.01
CA TYR A 128 7.69 -5.88 19.05
C TYR A 128 6.87 -6.78 19.99
N LEU A 129 7.01 -8.09 19.86
CA LEU A 129 6.28 -9.03 20.69
C LEU A 129 6.61 -8.86 22.17
N TYR A 130 7.89 -8.66 22.53
CA TYR A 130 8.30 -8.41 23.92
C TYR A 130 7.63 -7.14 24.46
N SER A 131 7.54 -6.08 23.66
CA SER A 131 6.88 -4.80 24.01
C SER A 131 5.35 -4.99 24.28
N MET A 132 4.75 -6.08 23.78
CA MET A 132 3.36 -6.46 23.99
C MET A 132 3.15 -7.42 25.18
N GLY A 133 4.23 -7.76 25.90
CA GLY A 133 4.15 -8.71 27.00
C GLY A 133 4.21 -10.16 26.53
N GLU A 134 4.58 -10.40 25.27
CA GLU A 134 4.61 -11.74 24.70
C GLU A 134 6.03 -12.26 24.57
N HIS A 135 6.24 -13.53 24.97
CA HIS A 135 7.58 -14.10 24.92
C HIS A 135 7.59 -15.46 24.26
N PRO A 136 7.35 -15.54 22.93
CA PRO A 136 7.39 -16.84 22.27
C PRO A 136 8.82 -17.36 22.11
N SER A 137 8.92 -18.68 21.87
CA SER A 137 10.15 -19.40 21.61
C SER A 137 10.89 -18.80 20.43
N THR A 138 12.20 -18.63 20.54
CA THR A 138 13.04 -18.13 19.46
C THR A 138 13.61 -19.27 18.59
N SER A 139 13.31 -20.54 18.90
CA SER A 139 13.88 -21.69 18.19
C SER A 139 12.90 -22.43 17.28
N ASP A 140 11.67 -21.94 17.13
CA ASP A 140 10.69 -22.60 16.26
C ASP A 140 9.67 -21.63 15.70
N GLN A 141 9.05 -22.03 14.59
CA GLN A 141 8.01 -21.29 13.91
C GLN A 141 6.61 -21.66 14.44
N ASP A 142 6.50 -22.50 15.50
CA ASP A 142 5.21 -22.88 16.08
C ASP A 142 4.83 -21.83 17.11
N ASN A 143 3.99 -20.89 16.66
CA ASN A 143 3.59 -19.75 17.47
C ASN A 143 2.25 -19.17 16.97
N SER A 144 1.69 -18.32 17.82
CA SER A 144 0.39 -17.73 17.60
C SER A 144 0.39 -16.42 18.39
N PHE A 145 -0.11 -15.36 17.78
CA PHE A 145 -0.22 -14.06 18.42
C PHE A 145 -1.50 -13.38 17.90
N LYS A 146 -2.46 -13.14 18.77
CA LYS A 146 -3.73 -12.56 18.37
C LYS A 146 -3.92 -11.17 18.98
N THR A 147 -4.45 -10.21 18.17
CA THR A 147 -4.75 -8.88 18.68
C THR A 147 -6.12 -8.41 18.18
N ASP A 148 -6.75 -7.53 18.97
CA ASP A 148 -8.04 -6.93 18.64
C ASP A 148 -7.87 -5.44 18.81
N ASP A 149 -7.97 -4.70 17.69
CA ASP A 149 -7.73 -3.27 17.67
C ASP A 149 -8.94 -2.43 17.25
N PHE A 150 -9.20 -1.36 17.99
CA PHE A 150 -10.25 -0.38 17.70
C PHE A 150 -9.51 0.89 17.30
N THR A 151 -9.86 1.44 16.15
CA THR A 151 -9.14 2.62 15.63
C THR A 151 -10.09 3.73 15.18
N PHE A 152 -9.57 4.96 15.25
CA PHE A 152 -10.15 6.13 14.65
C PHE A 152 -9.29 6.33 13.40
N ASN A 153 -9.95 6.43 12.26
N ASN A 153 -9.92 6.42 12.24
CA ASN A 153 -9.36 6.57 10.93
CA ASN A 153 -9.21 6.63 11.00
C ASN A 153 -9.72 7.94 10.36
C ASN A 153 -9.70 7.92 10.33
N TYR A 154 -8.84 8.51 9.53
CA TYR A 154 -9.13 9.76 8.86
C TYR A 154 -8.36 9.81 7.56
N GLY A 155 -8.85 10.65 6.66
CA GLY A 155 -8.22 10.83 5.38
C GLY A 155 -8.59 12.15 4.74
N TRP A 156 -7.76 12.55 3.80
CA TRP A 156 -7.94 13.74 3.02
C TRP A 156 -7.48 13.39 1.63
N THR A 157 -8.35 13.64 0.66
CA THR A 157 -7.96 13.46 -0.73
C THR A 157 -8.13 14.80 -1.45
N TYR A 158 -7.06 15.20 -2.14
CA TYR A 158 -7.01 16.38 -2.97
C TYR A 158 -6.78 15.89 -4.39
N ASN A 159 -7.63 16.32 -5.32
CA ASN A 159 -7.46 15.94 -6.71
C ASN A 159 -7.83 17.08 -7.67
N LYS A 160 -6.81 17.72 -8.24
CA LYS A 160 -7.00 18.78 -9.22
C LYS A 160 -6.24 18.47 -10.50
N LEU A 161 -6.29 17.21 -10.93
CA LEU A 161 -5.64 16.80 -12.18
C LEU A 161 -6.52 17.23 -13.36
N ASP A 162 -5.91 17.59 -14.50
CA ASP A 162 -6.65 18.02 -15.70
C ASP A 162 -7.51 16.89 -16.27
N ARG A 163 -6.99 15.65 -16.17
CA ARG A 163 -7.67 14.44 -16.60
C ARG A 163 -7.12 13.26 -15.80
N GLY A 164 -7.95 12.24 -15.62
CA GLY A 164 -7.61 11.05 -14.84
C GLY A 164 -6.63 10.11 -15.52
N TYR A 165 -6.86 9.83 -16.82
CA TYR A 165 -5.96 8.95 -17.55
C TYR A 165 -4.89 9.80 -18.20
N PHE A 166 -3.62 9.46 -17.94
CA PHE A 166 -2.47 10.21 -18.45
C PHE A 166 -2.57 11.71 -18.09
N PRO A 167 -2.54 12.09 -16.79
CA PRO A 167 -2.63 13.51 -16.45
C PRO A 167 -1.43 14.29 -17.00
N THR A 168 -1.64 15.56 -17.34
CA THR A 168 -0.56 16.43 -17.82
C THR A 168 -0.34 17.65 -16.91
N ASP A 169 -1.32 17.96 -16.05
CA ASP A 169 -1.27 19.15 -15.23
C ASP A 169 -2.11 18.99 -13.94
N GLY A 170 -1.57 19.50 -12.83
CA GLY A 170 -2.28 19.49 -11.56
C GLY A 170 -1.69 18.54 -10.53
N SER A 171 -2.38 18.39 -9.40
CA SER A 171 -1.91 17.52 -8.32
C SER A 171 -2.95 16.56 -7.76
N ARG A 172 -2.45 15.45 -7.20
CA ARG A 172 -3.22 14.44 -6.47
C ARG A 172 -2.48 14.26 -5.13
N VAL A 173 -3.16 14.53 -4.00
CA VAL A 173 -2.58 14.36 -2.69
C VAL A 173 -3.49 13.43 -1.87
N ASN A 174 -2.94 12.36 -1.28
CA ASN A 174 -3.70 11.47 -0.42
C ASN A 174 -3.04 11.38 0.96
N LEU A 175 -3.75 11.80 1.98
CA LEU A 175 -3.27 11.75 3.35
C LEU A 175 -4.16 10.76 4.11
N THR A 176 -3.55 9.76 4.78
CA THR A 176 -4.32 8.84 5.61
C THR A 176 -3.74 8.83 7.01
N GLY A 177 -4.59 8.53 7.97
CA GLY A 177 -4.14 8.40 9.35
C GLY A 177 -5.02 7.46 10.13
N LYS A 178 -4.43 6.92 11.18
CA LYS A 178 -5.15 6.09 12.12
C LYS A 178 -4.44 6.12 13.47
N VAL A 179 -5.22 5.88 14.51
CA VAL A 179 -4.74 5.82 15.87
C VAL A 179 -5.64 4.82 16.60
N THR A 180 -5.04 3.99 17.44
CA THR A 180 -5.81 3.05 18.24
C THR A 180 -6.59 3.83 19.31
N ILE A 181 -7.72 3.28 19.71
CA ILE A 181 -8.58 3.81 20.76
C ILE A 181 -8.34 2.98 22.03
N PRO A 182 -8.38 3.57 23.26
CA PRO A 182 -8.23 2.75 24.49
C PRO A 182 -9.13 1.51 24.51
N GLY A 183 -8.56 0.37 24.88
CA GLY A 183 -9.26 -0.91 24.80
C GLY A 183 -8.63 -1.82 23.75
N SER A 184 -7.86 -1.25 22.80
CA SER A 184 -7.14 -2.03 21.79
C SER A 184 -5.98 -2.79 22.46
N ASP A 185 -5.52 -3.88 21.86
CA ASP A 185 -4.34 -4.58 22.34
C ASP A 185 -3.13 -3.73 21.93
N ASN A 186 -3.09 -3.29 20.66
CA ASN A 186 -2.03 -2.42 20.16
C ASN A 186 -2.28 -0.97 20.56
N GLU A 187 -1.22 -0.18 20.65
CA GLU A 187 -1.33 1.24 20.96
C GLU A 187 -0.38 1.98 20.05
N TYR A 188 -0.89 2.55 18.96
CA TYR A 188 -0.05 3.20 17.98
C TYR A 188 -0.88 4.13 17.09
N TYR A 189 -0.16 4.90 16.28
CA TYR A 189 -0.69 5.75 15.24
C TYR A 189 0.12 5.43 13.98
N LYS A 190 -0.45 5.76 12.83
CA LYS A 190 0.24 5.55 11.57
C LYS A 190 -0.32 6.58 10.57
N VAL A 191 0.57 7.28 9.88
CA VAL A 191 0.19 8.33 8.94
C VAL A 191 0.91 8.10 7.60
N THR A 192 0.21 8.37 6.50
CA THR A 192 0.73 8.24 5.16
C THR A 192 0.40 9.51 4.37
N LEU A 193 1.32 9.93 3.51
CA LEU A 193 1.11 11.07 2.63
C LEU A 193 1.65 10.70 1.26
N ASP A 194 0.82 10.79 0.24
CA ASP A 194 1.22 10.52 -1.12
C ASP A 194 0.90 11.76 -1.92
N THR A 195 1.85 12.20 -2.74
CA THR A 195 1.63 13.34 -3.62
C THR A 195 2.10 12.94 -5.03
N ALA A 196 1.48 13.53 -6.03
CA ALA A 196 1.83 13.42 -7.43
C ALA A 196 1.52 14.78 -8.03
N THR A 197 2.50 15.38 -8.72
CA THR A 197 2.30 16.71 -9.30
C THR A 197 2.79 16.67 -10.73
N TYR A 198 1.93 17.08 -11.66
CA TYR A 198 2.27 17.09 -13.06
C TYR A 198 2.40 18.54 -13.47
N VAL A 199 3.56 18.89 -14.04
CA VAL A 199 3.80 20.24 -14.50
C VAL A 199 4.11 20.17 -15.99
N PRO A 200 3.21 20.72 -16.83
CA PRO A 200 3.45 20.67 -18.27
C PRO A 200 4.50 21.70 -18.68
N ILE A 201 5.36 21.37 -19.65
CA ILE A 201 6.45 22.27 -20.06
C ILE A 201 6.06 23.07 -21.31
N ASP A 202 5.59 22.36 -22.33
CA ASP A 202 5.13 22.93 -23.60
C ASP A 202 3.62 23.24 -23.56
N ASP A 203 3.13 24.04 -24.52
CA ASP A 203 1.72 24.39 -24.68
C ASP A 203 0.83 23.18 -24.93
N ASP A 204 1.30 22.19 -25.70
CA ASP A 204 0.48 21.03 -26.07
C ASP A 204 0.44 19.92 -25.01
N HIS A 205 1.13 20.12 -23.88
CA HIS A 205 1.21 19.20 -22.73
C HIS A 205 1.74 17.81 -23.11
N LYS A 206 2.63 17.73 -24.10
CA LYS A 206 3.27 16.49 -24.55
C LYS A 206 4.56 16.21 -23.77
N TRP A 207 5.19 17.26 -23.20
CA TRP A 207 6.37 17.19 -22.34
C TRP A 207 5.88 17.61 -20.94
N VAL A 208 5.86 16.66 -20.00
CA VAL A 208 5.34 16.87 -18.66
C VAL A 208 6.34 16.39 -17.63
N VAL A 209 6.48 17.14 -16.54
CA VAL A 209 7.34 16.75 -15.44
C VAL A 209 6.45 16.24 -14.29
N LEU A 210 6.68 15.00 -13.86
CA LEU A 210 5.95 14.41 -12.74
C LEU A 210 6.87 14.29 -11.54
N GLY A 211 6.45 14.88 -10.44
CA GLY A 211 7.18 14.74 -9.20
C GLY A 211 6.27 13.95 -8.27
N ARG A 212 6.78 12.87 -7.69
CA ARG A 212 5.99 12.03 -6.78
C ARG A 212 6.69 11.83 -5.44
N THR A 213 5.93 11.90 -4.34
CA THR A 213 6.48 11.62 -3.01
C THR A 213 5.56 10.66 -2.25
N ARG A 214 6.17 9.88 -1.36
CA ARG A 214 5.45 8.95 -0.53
C ARG A 214 6.10 9.02 0.85
N TRP A 215 5.35 9.39 1.87
CA TRP A 215 5.87 9.45 3.23
C TRP A 215 5.01 8.54 4.11
N GLY A 216 5.66 7.80 4.99
CA GLY A 216 4.97 6.96 5.93
C GLY A 216 5.65 7.01 7.28
N TYR A 217 4.87 7.22 8.34
CA TYR A 217 5.41 7.18 9.69
C TYR A 217 4.35 6.66 10.63
N GLY A 218 4.74 5.70 11.44
CA GLY A 218 3.92 5.12 12.48
C GLY A 218 4.81 4.86 13.68
N ASP A 219 4.22 4.81 14.85
CA ASP A 219 4.97 4.48 16.05
C ASP A 219 3.99 4.14 17.15
N GLY A 220 4.51 3.40 18.13
CA GLY A 220 3.73 3.08 19.31
C GLY A 220 3.56 4.28 20.22
N LEU A 221 2.46 4.25 20.97
CA LEU A 221 2.16 5.20 22.02
C LEU A 221 2.44 4.34 23.24
N GLY A 222 3.12 4.91 24.23
CA GLY A 222 3.54 4.14 25.40
C GLY A 222 4.74 3.29 25.04
N GLY A 223 4.95 2.24 25.83
CA GLY A 223 6.07 1.34 25.60
C GLY A 223 5.85 0.33 24.48
N LYS A 224 4.61 0.19 23.99
CA LYS A 224 4.33 -0.73 22.89
C LYS A 224 4.80 -0.11 21.57
N GLU A 225 5.13 -0.97 20.61
CA GLU A 225 5.56 -0.50 19.29
C GLU A 225 4.40 -0.66 18.32
N MET A 226 4.52 -0.03 17.14
CA MET A 226 3.58 -0.27 16.07
C MET A 226 3.79 -1.73 15.61
N PRO A 227 2.71 -2.51 15.46
CA PRO A 227 2.87 -3.89 15.02
C PRO A 227 3.58 -4.00 13.66
N PHE A 228 4.51 -4.97 13.55
CA PHE A 228 5.27 -5.21 12.32
C PHE A 228 4.33 -5.49 11.13
N TYR A 229 3.09 -5.96 11.40
CA TYR A 229 2.14 -6.27 10.31
C TYR A 229 1.45 -5.05 9.72
N GLU A 230 1.74 -3.85 10.26
CA GLU A 230 1.39 -2.53 9.75
C GLU A 230 2.60 -1.82 9.15
N ASN A 231 3.75 -2.51 8.95
CA ASN A 231 4.96 -1.88 8.44
C ASN A 231 4.78 -1.33 7.03
N PHE A 232 5.54 -0.28 6.73
CA PHE A 232 5.68 0.27 5.40
C PHE A 232 6.77 -0.53 4.69
N TYR A 233 6.65 -0.61 3.38
CA TYR A 233 7.62 -1.27 2.53
C TYR A 233 8.01 -0.32 1.39
N ALA A 234 9.13 -0.58 0.71
CA ALA A 234 9.51 0.20 -0.48
C ALA A 234 10.24 -0.72 -1.46
N GLY A 235 10.16 -0.39 -2.75
CA GLY A 235 10.74 -1.23 -3.79
C GLY A 235 9.63 -1.81 -4.64
N GLY A 236 9.84 -1.73 -5.95
CA GLY A 236 8.86 -2.23 -6.91
C GLY A 236 8.36 -1.14 -7.83
N SER A 237 7.49 -1.54 -8.76
CA SER A 237 6.86 -0.75 -9.80
C SER A 237 6.19 0.53 -9.33
N SER A 238 5.61 0.53 -8.13
CA SER A 238 4.87 1.69 -7.62
C SER A 238 5.64 2.59 -6.66
N THR A 239 6.86 2.20 -6.26
CA THR A 239 7.64 3.01 -5.32
C THR A 239 9.02 3.33 -5.93
N VAL A 240 9.98 2.38 -5.94
CA VAL A 240 11.32 2.59 -6.47
C VAL A 240 11.55 1.48 -7.52
N ARG A 241 11.38 1.78 -8.81
CA ARG A 241 11.55 0.80 -9.89
C ARG A 241 13.00 0.30 -9.96
N GLY A 242 13.17 -0.95 -10.42
CA GLY A 242 14.50 -1.55 -10.51
C GLY A 242 14.90 -2.34 -9.26
N PHE A 243 14.04 -2.34 -8.25
CA PHE A 243 14.26 -3.06 -7.02
C PHE A 243 13.12 -4.01 -6.83
N GLN A 244 13.39 -5.22 -6.34
CA GLN A 244 12.33 -6.19 -6.11
C GLN A 244 11.35 -5.66 -5.07
N SER A 245 10.05 -5.94 -5.25
CA SER A 245 8.98 -5.52 -4.35
C SER A 245 9.33 -5.73 -2.87
N ASN A 246 9.21 -4.64 -2.08
CA ASN A 246 9.41 -4.63 -0.63
C ASN A 246 10.85 -4.87 -0.17
N THR A 247 11.85 -4.89 -1.07
CA THR A 247 13.25 -5.19 -0.70
C THR A 247 13.92 -4.09 0.14
N ILE A 248 13.56 -2.83 -0.04
CA ILE A 248 14.25 -1.71 0.61
C ILE A 248 14.00 -1.59 2.11
N GLY A 249 15.08 -1.39 2.88
CA GLY A 249 14.97 -1.15 4.30
C GLY A 249 15.56 -2.26 5.13
N PRO A 250 15.11 -2.38 6.40
CA PRO A 250 15.63 -3.45 7.25
C PRO A 250 15.48 -4.86 6.68
N LYS A 251 16.44 -5.72 7.05
CA LYS A 251 16.47 -7.15 6.73
C LYS A 251 16.37 -7.93 8.04
N ALA A 252 15.76 -9.11 7.99
CA ALA A 252 15.58 -9.93 9.18
C ALA A 252 16.91 -10.37 9.78
N VAL A 253 17.00 -10.30 11.10
CA VAL A 253 18.11 -10.84 11.85
C VAL A 253 17.50 -12.02 12.60
N TYR A 254 17.65 -13.24 12.08
CA TYR A 254 17.06 -14.44 12.68
C TYR A 254 17.79 -14.90 13.94
N PHE A 255 17.12 -15.73 14.76
CA PHE A 255 17.72 -16.31 15.95
C PHE A 255 18.23 -17.70 15.62
N PRO A 256 19.37 -18.13 16.21
CA PRO A 256 19.88 -19.47 15.91
C PRO A 256 19.09 -20.60 16.57
N LEU A 279 20.87 -13.96 16.41
CA LEU A 279 22.17 -13.74 15.74
C LEU A 279 22.29 -14.49 14.40
N CYS A 280 21.76 -13.88 13.30
CA CYS A 280 21.84 -14.43 11.95
C CYS A 280 21.38 -13.44 10.87
N LYS A 281 22.35 -12.80 10.17
CA LYS A 281 22.09 -11.84 9.09
C LYS A 281 21.32 -12.52 7.95
N SER A 282 20.64 -11.73 7.11
CA SER A 282 19.88 -12.24 5.99
C SER A 282 19.60 -11.14 4.95
N ASP A 283 18.96 -11.51 3.83
CA ASP A 283 18.50 -10.54 2.84
C ASP A 283 16.97 -10.58 2.69
N ASP A 284 16.24 -11.00 3.73
CA ASP A 284 14.79 -11.02 3.70
C ASP A 284 14.27 -9.72 4.31
N ALA A 285 13.62 -8.92 3.50
CA ALA A 285 13.07 -7.65 3.94
C ALA A 285 12.02 -7.85 5.02
N VAL A 286 11.94 -6.91 5.97
CA VAL A 286 10.90 -6.96 7.02
C VAL A 286 10.01 -5.70 7.05
N GLY A 287 10.41 -4.66 6.32
CA GLY A 287 9.70 -3.39 6.33
C GLY A 287 10.16 -2.56 7.51
N GLY A 288 9.44 -1.49 7.78
CA GLY A 288 9.77 -0.59 8.87
C GLY A 288 8.65 0.36 9.22
N ASN A 289 8.79 1.10 10.33
CA ASN A 289 7.75 2.04 10.74
C ASN A 289 7.91 3.45 10.15
N ALA A 290 8.94 3.68 9.34
CA ALA A 290 9.24 4.97 8.71
C ALA A 290 9.64 4.69 7.26
N MET A 291 9.16 5.53 6.33
CA MET A 291 9.42 5.33 4.91
C MET A 291 9.35 6.67 4.17
N ALA A 292 10.19 6.84 3.15
CA ALA A 292 10.17 8.04 2.34
C ALA A 292 10.59 7.65 0.93
N VAL A 293 9.77 8.01 -0.02
CA VAL A 293 10.00 7.72 -1.41
C VAL A 293 9.85 9.03 -2.17
N ALA A 294 10.72 9.25 -3.14
CA ALA A 294 10.66 10.45 -3.96
C ALA A 294 10.98 10.05 -5.39
N SER A 295 10.42 10.77 -6.36
CA SER A 295 10.62 10.41 -7.76
C SER A 295 10.41 11.57 -8.69
N LEU A 296 11.37 11.77 -9.61
CA LEU A 296 11.29 12.77 -10.66
C LEU A 296 11.16 12.02 -12.00
N GLU A 297 10.13 12.31 -12.76
CA GLU A 297 9.84 11.60 -14.01
C GLU A 297 9.56 12.60 -15.14
N PHE A 298 10.17 12.38 -16.29
CA PHE A 298 10.00 13.25 -17.45
C PHE A 298 9.20 12.49 -18.48
N ILE A 299 7.94 12.88 -18.67
CA ILE A 299 7.05 12.31 -19.66
C ILE A 299 7.32 13.01 -20.98
N THR A 300 7.70 12.24 -22.00
CA THR A 300 8.02 12.79 -23.32
C THR A 300 7.09 12.20 -24.38
N PRO A 301 6.99 12.81 -25.59
CA PRO A 301 6.19 12.18 -26.65
C PRO A 301 6.75 10.81 -27.01
N THR A 302 5.88 9.86 -27.35
CA THR A 302 6.32 8.51 -27.66
C THR A 302 7.05 8.47 -29.00
N PRO A 303 8.30 7.93 -29.01
CA PRO A 303 9.04 7.85 -30.27
C PRO A 303 8.42 6.84 -31.24
N PHE A 304 8.69 7.00 -32.55
CA PHE A 304 8.14 6.13 -33.61
C PHE A 304 6.71 6.62 -34.00
N ILE A 305 5.76 5.74 -34.41
CA ILE A 305 4.41 6.15 -34.86
C ILE A 305 3.62 6.93 -33.79
N SER A 306 2.74 7.84 -34.26
CA SER A 306 1.91 8.68 -33.42
C SER A 306 0.48 8.81 -33.97
N ALA A 310 -1.30 8.50 -30.56
CA ALA A 310 -0.38 9.23 -29.68
C ALA A 310 -0.97 9.47 -28.30
N ASN A 311 -2.31 9.55 -28.18
CA ASN A 311 -2.97 9.76 -26.89
C ASN A 311 -3.14 8.46 -26.08
N SER A 312 -2.69 7.32 -26.64
CA SER A 312 -2.81 6.00 -26.00
C SER A 312 -1.48 5.52 -25.39
N VAL A 313 -0.34 6.14 -25.73
CA VAL A 313 0.97 5.72 -25.22
C VAL A 313 1.66 6.88 -24.44
N ARG A 314 2.25 6.54 -23.28
CA ARG A 314 3.00 7.48 -22.45
C ARG A 314 4.41 6.95 -22.25
N THR A 315 5.40 7.67 -22.74
CA THR A 315 6.81 7.30 -22.56
C THR A 315 7.40 8.21 -21.48
N SER A 316 8.27 7.69 -20.60
CA SER A 316 8.85 8.50 -19.55
C SER A 316 10.21 8.00 -19.08
N PHE A 317 11.03 8.91 -18.56
CA PHE A 317 12.35 8.60 -18.02
C PHE A 317 12.28 9.05 -16.57
N PHE A 318 12.77 8.23 -15.63
CA PHE A 318 12.62 8.54 -14.22
C PHE A 318 13.90 8.38 -13.40
N TRP A 319 13.84 8.95 -12.21
CA TRP A 319 14.84 8.89 -11.18
C TRP A 319 14.02 8.60 -9.93
N ASP A 320 14.14 7.39 -9.39
CA ASP A 320 13.38 6.97 -8.22
C ASP A 320 14.30 6.86 -7.05
N MET A 321 13.77 7.17 -5.87
CA MET A 321 14.54 7.07 -4.64
C MET A 321 13.63 6.70 -3.48
N GLY A 322 14.21 6.01 -2.50
CA GLY A 322 13.44 5.58 -1.37
C GLY A 322 14.29 4.99 -0.28
N THR A 323 13.72 5.03 0.91
CA THR A 323 14.32 4.53 2.12
C THR A 323 13.19 4.08 3.06
N VAL A 324 13.45 2.99 3.75
CA VAL A 324 12.60 2.40 4.78
C VAL A 324 13.53 2.15 5.98
N TRP A 325 13.06 2.51 7.20
CA TRP A 325 13.88 2.27 8.38
C TRP A 325 13.04 1.90 9.58
N ASP A 326 13.71 1.41 10.62
CA ASP A 326 13.13 0.94 11.86
C ASP A 326 13.60 1.90 12.94
N THR A 327 12.75 2.80 13.44
CA THR A 327 13.15 3.77 14.45
C THR A 327 13.45 3.11 15.81
N ASN A 328 13.00 1.86 16.04
CA ASN A 328 13.26 1.18 17.31
C ASN A 328 14.39 0.16 17.22
N TRP A 329 15.15 0.16 16.13
CA TRP A 329 16.26 -0.76 15.99
C TRP A 329 17.36 -0.34 16.98
N ASP A 330 17.75 -1.27 17.86
CA ASP A 330 18.74 -1.02 18.90
C ASP A 330 20.12 -1.34 18.33
N SER A 331 20.77 -0.33 17.76
CA SER A 331 22.10 -0.51 17.19
C SER A 331 23.17 -0.80 18.23
N SER A 332 23.05 -0.29 19.47
CA SER A 332 24.06 -0.54 20.49
C SER A 332 24.12 -2.03 20.84
N GLN A 333 22.94 -2.64 20.99
CA GLN A 333 22.82 -4.06 21.34
C GLN A 333 23.26 -4.96 20.16
N TYR A 334 23.09 -4.48 18.91
CA TYR A 334 23.43 -5.22 17.69
C TYR A 334 24.42 -4.44 16.82
N SER A 335 25.54 -4.03 17.41
CA SER A 335 26.58 -3.28 16.69
C SER A 335 27.34 -4.11 15.64
N GLY A 336 27.22 -5.43 15.67
CA GLY A 336 27.81 -6.28 14.63
C GLY A 336 26.93 -6.40 13.39
N TYR A 337 25.78 -5.69 13.37
CA TYR A 337 24.81 -5.70 12.28
C TYR A 337 24.65 -4.30 11.71
N PRO A 338 24.14 -4.15 10.47
CA PRO A 338 23.86 -2.80 9.95
C PRO A 338 22.83 -2.07 10.84
N ASP A 339 22.97 -0.75 10.98
CA ASP A 339 22.06 0.05 11.78
C ASP A 339 20.76 0.27 11.01
N TYR A 340 19.75 -0.56 11.26
CA TYR A 340 18.46 -0.46 10.61
C TYR A 340 17.61 0.71 11.04
N SER A 341 18.05 1.48 12.04
CA SER A 341 17.34 2.72 12.43
C SER A 341 17.82 3.94 11.61
N ASP A 342 18.80 3.74 10.73
CA ASP A 342 19.37 4.82 9.92
C ASP A 342 18.51 5.10 8.71
N PRO A 343 18.02 6.36 8.56
CA PRO A 343 17.22 6.71 7.39
C PRO A 343 18.01 7.12 6.16
N SER A 344 19.32 7.30 6.30
CA SER A 344 20.13 7.86 5.19
C SER A 344 20.56 6.87 4.13
N ASN A 345 20.15 5.61 4.25
CA ASN A 345 20.48 4.60 3.25
C ASN A 345 19.50 4.73 2.07
N ILE A 346 19.58 5.86 1.33
CA ILE A 346 18.69 6.16 0.22
C ILE A 346 19.02 5.34 -1.03
N ARG A 347 18.09 4.45 -1.41
CA ARG A 347 18.22 3.64 -2.62
C ARG A 347 17.87 4.53 -3.80
N MET A 348 18.50 4.28 -4.96
CA MET A 348 18.27 5.10 -6.14
C MET A 348 18.26 4.26 -7.39
N SER A 349 17.42 4.65 -8.34
CA SER A 349 17.36 3.97 -9.62
C SER A 349 17.00 4.96 -10.73
N ALA A 350 17.32 4.57 -11.95
CA ALA A 350 17.04 5.37 -13.14
C ALA A 350 16.54 4.43 -14.21
N GLY A 351 15.57 4.90 -14.99
CA GLY A 351 15.06 4.05 -16.05
C GLY A 351 14.06 4.71 -16.98
N ILE A 352 13.42 3.83 -17.75
CA ILE A 352 12.43 4.17 -18.79
CA ILE A 352 12.42 4.20 -18.76
C ILE A 352 11.13 3.41 -18.50
N ALA A 353 9.98 4.08 -18.66
CA ALA A 353 8.69 3.46 -18.49
C ALA A 353 7.83 3.70 -19.74
N LEU A 354 6.90 2.77 -20.00
CA LEU A 354 5.93 2.82 -21.09
C LEU A 354 4.55 2.48 -20.53
N GLN A 355 3.56 3.34 -20.75
CA GLN A 355 2.19 3.07 -20.34
C GLN A 355 1.31 3.03 -21.60
N TRP A 356 0.37 2.09 -21.66
CA TRP A 356 -0.51 1.97 -22.82
C TRP A 356 -1.83 1.35 -22.38
N MET A 357 -2.97 1.86 -22.86
CA MET A 357 -4.26 1.25 -22.57
C MET A 357 -4.39 0.11 -23.58
N SER A 358 -4.06 -1.10 -23.15
CA SER A 358 -4.04 -2.26 -24.02
C SER A 358 -5.40 -2.96 -24.03
N PRO A 359 -5.70 -3.82 -25.04
CA PRO A 359 -6.96 -4.57 -25.00
C PRO A 359 -7.08 -5.55 -23.80
N LEU A 360 -5.97 -5.82 -23.09
CA LEU A 360 -5.97 -6.64 -21.86
C LEU A 360 -6.01 -5.76 -20.57
N GLY A 361 -6.25 -4.46 -20.73
CA GLY A 361 -6.29 -3.52 -19.62
C GLY A 361 -5.11 -2.57 -19.64
N PRO A 362 -4.98 -1.71 -18.61
CA PRO A 362 -3.84 -0.80 -18.55
C PRO A 362 -2.52 -1.57 -18.47
N LEU A 363 -1.49 -1.09 -19.16
CA LEU A 363 -0.20 -1.78 -19.21
C LEU A 363 0.90 -0.82 -18.80
N VAL A 364 1.76 -1.22 -17.87
CA VAL A 364 2.88 -0.39 -17.48
C VAL A 364 4.12 -1.25 -17.55
N PHE A 365 5.14 -0.82 -18.28
CA PHE A 365 6.38 -1.56 -18.37
C PHE A 365 7.50 -0.64 -17.98
N SER A 366 8.44 -1.13 -17.19
CA SER A 366 9.59 -0.33 -16.82
C SER A 366 10.88 -1.15 -16.89
N TYR A 367 11.94 -0.49 -17.27
CA TYR A 367 13.26 -1.06 -17.21
C TYR A 367 14.05 -0.02 -16.43
N ALA A 368 14.59 -0.42 -15.30
CA ALA A 368 15.32 0.49 -14.43
C ALA A 368 16.59 -0.15 -13.90
N GLN A 369 17.57 0.66 -13.55
CA GLN A 369 18.82 0.15 -13.02
C GLN A 369 19.08 0.75 -11.64
N PRO A 370 19.12 -0.09 -10.59
CA PRO A 370 19.47 0.42 -9.26
C PRO A 370 20.90 0.96 -9.23
N PHE A 371 21.08 2.28 -9.38
CA PHE A 371 22.42 2.84 -9.34
C PHE A 371 22.86 3.18 -7.90
N LYS A 372 22.05 2.85 -6.88
CA LYS A 372 22.41 2.99 -5.48
C LYS A 372 21.65 1.97 -4.66
N LYS A 373 22.33 0.89 -4.28
CA LYS A 373 21.73 -0.17 -3.50
C LYS A 373 22.57 -0.44 -2.26
N TYR A 374 21.99 -1.12 -1.27
CA TYR A 374 22.66 -1.46 -0.03
C TYR A 374 22.69 -2.99 0.15
N ASP A 375 23.51 -3.49 1.08
CA ASP A 375 23.67 -4.94 1.26
C ASP A 375 22.35 -5.66 1.54
N GLY A 376 22.12 -6.70 0.75
CA GLY A 376 20.92 -7.52 0.84
C GLY A 376 19.79 -7.06 -0.08
N ASP A 377 19.91 -5.88 -0.70
CA ASP A 377 18.86 -5.39 -1.60
C ASP A 377 18.83 -6.25 -2.84
N LYS A 378 17.63 -6.64 -3.28
CA LYS A 378 17.45 -7.45 -4.48
C LYS A 378 17.05 -6.56 -5.64
N ALA A 379 17.79 -6.65 -6.76
CA ALA A 379 17.52 -5.88 -7.96
C ALA A 379 16.48 -6.60 -8.84
N GLU A 380 15.74 -5.84 -9.63
CA GLU A 380 14.75 -6.38 -10.55
C GLU A 380 14.50 -5.31 -11.59
N GLN A 381 15.35 -5.33 -12.62
CA GLN A 381 15.42 -4.33 -13.68
C GLN A 381 14.13 -4.18 -14.47
N PHE A 382 13.59 -5.27 -15.03
CA PHE A 382 12.38 -5.21 -15.83
C PHE A 382 11.18 -5.53 -14.95
N GLN A 383 10.21 -4.61 -14.93
CA GLN A 383 8.99 -4.78 -14.15
C GLN A 383 7.78 -4.41 -15.00
N PHE A 384 6.63 -5.07 -14.76
CA PHE A 384 5.46 -4.78 -15.57
C PHE A 384 4.17 -5.10 -14.83
N ASN A 385 3.10 -4.44 -15.28
CA ASN A 385 1.79 -4.70 -14.73
C ASN A 385 0.76 -4.58 -15.83
N ILE A 386 -0.22 -5.48 -15.75
CA ILE A 386 -1.34 -5.58 -16.67
C ILE A 386 -2.63 -5.58 -15.84
N GLY A 387 -3.46 -4.55 -16.00
CA GLY A 387 -4.72 -4.46 -15.29
C GLY A 387 -4.61 -3.66 -14.01
C1 R3W B 1 -6.53 -1.66 -2.82
C2 R3W B 1 -5.11 -2.11 -2.81
O2 R3W B 1 -6.89 -0.50 -2.42
N PHE B 2 -7.43 -2.52 -3.25
CA PHE B 2 -8.89 -2.43 -3.22
C PHE B 2 -9.46 -1.96 -1.88
N SER B 3 -9.02 -2.56 -0.77
CA SER B 3 -9.54 -2.26 0.58
C SER B 3 -9.31 -0.83 1.05
N GLY B 4 -8.25 -0.18 0.55
CA GLY B 4 -7.90 1.17 0.92
C GLY B 4 -8.38 2.21 -0.09
N ARG B 5 -9.35 1.85 -0.95
CA ARG B 5 -9.90 2.80 -1.92
C ARG B 5 -10.78 3.82 -1.17
N TRP B 6 -11.06 4.99 -1.77
CA TRP B 6 -11.89 6.01 -1.15
C TRP B 6 -13.29 5.45 -0.89
C DI8 B 7 -13.08 5.39 2.67
N DI8 B 7 -13.89 5.60 0.33
O DI8 B 7 -13.37 5.60 3.84
C1 DI8 B 7 -14.43 7.37 1.94
C2 DI8 B 7 -15.83 6.80 2.02
C3 DI8 B 7 -16.80 7.43 2.80
C4 DI8 B 7 -18.08 6.90 2.88
C5 DI8 B 7 -18.42 5.74 2.19
C6 DI8 B 7 -17.47 5.09 1.41
C7 DI8 B 7 -16.18 5.62 1.32
C8 DI8 B 7 -15.16 4.91 0.49
CA DI8 B 7 -13.39 6.34 1.50
N TRP B 8 -12.31 4.34 2.37
CA TRP B 8 -12.03 3.23 3.28
C TRP B 8 -10.57 3.27 3.74
N PRO B 9 -10.30 2.87 5.00
CA PRO B 9 -8.90 2.73 5.41
C PRO B 9 -8.39 1.41 4.83
N SER B 10 -7.09 1.36 4.56
CA SER B 10 -6.46 0.16 4.06
C SER B 10 -6.53 -0.98 5.04
N ARG B 11 -6.82 -2.17 4.51
CA ARG B 11 -6.83 -3.39 5.30
C ARG B 11 -5.97 -4.49 4.68
N SER B 12 -5.21 -4.15 3.63
CA SER B 12 -4.41 -5.09 2.86
C SER B 12 -3.06 -4.48 2.62
N VAL B 13 -2.06 -5.33 2.53
CA VAL B 13 -0.72 -4.93 2.18
C VAL B 13 -0.75 -4.49 0.71
N GLY B 14 -0.09 -3.35 0.44
CA GLY B 14 -0.01 -2.76 -0.88
C GLY B 14 -1.14 -1.80 -1.19
N CYS B 15 -1.98 -1.48 -0.21
CA CYS B 15 -3.16 -0.65 -0.44
C CYS B 15 -3.16 0.67 0.35
N GLY B 16 -2.05 0.99 1.03
CA GLY B 16 -2.00 2.20 1.88
C GLY B 16 -1.82 3.52 1.13
N NH2 B 17 -2.07 4.67 1.75
N TRP C 1 -7.33 -7.11 -17.46
CA TRP C 1 -8.66 -7.10 -18.12
C TRP C 1 -9.72 -7.21 -17.01
N ASN C 2 -10.90 -6.61 -17.24
CA ASN C 2 -12.03 -6.71 -16.33
C ASN C 2 -13.31 -6.76 -17.18
C UX8 C 3 -16.53 -7.52 -16.56
CA UX8 C 3 -15.47 -7.91 -17.56
CG UX8 C 3 -16.97 -9.28 -18.84
CE2 UX8 C 3 -19.19 -8.82 -19.21
CB UX8 C 3 -15.69 -9.38 -18.10
CD1 UX8 C 3 -17.15 -8.79 -20.11
CD2 UX8 C 3 -18.27 -9.24 -18.21
CE3 UX8 C 3 -18.76 -9.51 -16.93
CZ3 UX8 C 3 -20.11 -9.35 -16.68
CH2 UX8 C 3 -20.98 -8.94 -17.67
CZ2 UX8 C 3 -20.56 -8.67 -18.95
N UX8 C 3 -14.18 -7.74 -16.91
NE1 UX8 C 3 -18.47 -8.61 -20.36
O UX8 C 3 -16.52 -8.02 -15.45
O9 UX8 C 3 -14.66 -9.60 -19.07
N SER C 4 -17.49 -6.67 -16.98
CA SER C 4 -18.55 -6.18 -16.13
C SER C 4 -19.92 -6.18 -16.83
N LYS C 5 -20.93 -6.86 -16.24
CA LYS C 5 -22.23 -7.15 -16.85
C LYS C 5 -23.32 -6.75 -15.85
N SER C 6 -24.28 -5.90 -16.25
CA SER C 6 -25.31 -5.46 -15.33
C SER C 6 -26.46 -6.47 -15.31
N PHE C 7 -27.42 -6.23 -14.42
CA PHE C 7 -28.59 -7.10 -14.30
C PHE C 7 -29.81 -6.23 -13.97
C10 4NE D . 8.13 20.25 -4.81
C13 4NE D . 8.04 23.42 -5.59
C15 4NE D . 6.76 17.71 -2.70
C17 4NE D . 5.99 16.91 -0.44
P01 4NE D . 7.59 18.60 -5.26
C02 4NE D . 6.72 18.68 -6.83
C03 4NE D . 7.54 18.39 -8.10
C04 4NE D . 6.69 18.53 -9.33
C05 4NE D . 7.43 18.27 -10.57
C06 4NE D . 8.97 17.44 -5.26
C07 4NE D . 8.65 16.03 -5.73
C08 4NE D . 9.85 15.09 -5.69
C09 4NE D . 11.03 15.54 -6.52
C11 4NE D . 8.76 21.06 -5.94
C12 4NE D . 9.15 22.46 -5.50
C14 4NE D . 6.29 18.13 -4.09
C16 4NE D . 5.58 17.34 -1.83
C10 4NE E . -28.49 2.62 8.04
C13 4NE E . -28.56 5.21 10.88
C15 4NE E . -25.11 1.42 8.11
C17 4NE E . -22.68 1.94 8.46
P01 4NE E . -27.80 1.00 7.78
C02 4NE E . -27.75 0.07 9.34
C03 4NE E . -28.20 -1.40 9.27
C04 4NE E . -28.10 -2.11 10.60
C05 4NE E . -27.98 -3.60 10.44
C06 4NE E . -28.96 0.12 6.67
C07 4NE E . -28.45 -0.11 5.25
C08 4NE E . -29.45 -0.82 4.37
C09 4NE E . -29.66 -2.26 4.77
C11 4NE E . -28.08 3.28 9.35
C12 4NE E . -28.66 4.67 9.48
C14 4NE E . -26.18 1.01 7.11
C16 4NE E . -23.72 1.46 7.48
#